data_2DDM
#
_entry.id   2DDM
#
_cell.length_a   65.310
_cell.length_b   75.132
_cell.length_c   107.800
_cell.angle_alpha   90.00
_cell.angle_beta   90.00
_cell.angle_gamma   90.00
#
_symmetry.space_group_name_H-M   'P 21 21 21'
#
loop_
_entity.id
_entity.type
_entity.pdbx_description
1 polymer 'Pyridoxine kinase'
2 non-polymer 2-AMINO-2-HYDROXYMETHYL-PROPANE-1,3-DIOL
3 water water
#
_entity_poly.entity_id   1
_entity_poly.type   'polypeptide(L)'
_entity_poly.pdbx_seq_one_letter_code
;MSSLLLFNDKSRALQADIVAVQSQVVYGSVGNSIAVPAIKQNGLNVFAVPTVLLSNTPHYDTFYGGAIPDEWFSGYLRAL
QERDALRQLRAVTTGYMGTASQIKILAEWLTALRKDHPDLLIMVDPVIGDIDSGIYVKPDLPEAYRQYLLPLAQGITPNI
FELEILTGKNCRDLDSAIAAAKSLLSDTLKWVVVTSASGNEENQEMQVVVVTADSVNVISHSRVKTDLKGTGDLFCAQLI
SGLLKGKALTDAVHRAGLRVLEVMRYTQQHESDELILPPLAEA
;
_entity_poly.pdbx_strand_id   A,B
#
# COMPACT_ATOMS: atom_id res chain seq x y z
N LYS A 10 -25.00 1.06 10.58
CA LYS A 10 -25.37 2.51 10.53
C LYS A 10 -24.14 3.39 10.26
N SER A 11 -22.96 2.85 10.54
CA SER A 11 -21.72 3.60 10.31
C SER A 11 -21.53 3.83 8.81
N ARG A 12 -20.96 4.98 8.47
CA ARG A 12 -20.71 5.32 7.07
C ARG A 12 -19.25 5.08 6.76
N ALA A 13 -18.51 4.68 7.80
CA ALA A 13 -17.08 4.41 7.69
C ALA A 13 -16.79 3.07 7.01
N LEU A 14 -15.61 2.97 6.42
CA LEU A 14 -15.20 1.74 5.77
C LEU A 14 -14.99 0.70 6.88
N GLN A 15 -15.28 -0.56 6.59
CA GLN A 15 -15.10 -1.61 7.59
C GLN A 15 -14.14 -2.68 7.09
N ALA A 16 -13.70 -3.54 7.99
CA ALA A 16 -12.77 -4.61 7.64
C ALA A 16 -12.92 -5.81 8.55
N ASP A 17 -12.61 -6.99 8.01
CA ASP A 17 -12.68 -8.21 8.79
C ASP A 17 -11.35 -8.32 9.53
N ILE A 18 -10.30 -7.76 8.92
CA ILE A 18 -8.95 -7.87 9.48
C ILE A 18 -8.10 -6.60 9.51
N VAL A 19 -7.29 -6.50 10.55
CA VAL A 19 -6.33 -5.41 10.70
C VAL A 19 -5.01 -6.19 10.67
N ALA A 20 -4.23 -5.98 9.62
CA ALA A 20 -2.96 -6.67 9.50
C ALA A 20 -1.84 -5.71 9.87
N VAL A 21 -1.06 -6.07 10.88
CA VAL A 21 0.02 -5.21 11.34
C VAL A 21 1.39 -5.83 11.04
N GLN A 22 2.09 -5.27 10.07
CA GLN A 22 3.39 -5.79 9.70
C GLN A 22 4.10 -4.86 8.72
N SER A 23 5.19 -5.33 8.14
CA SER A 23 5.98 -4.52 7.21
C SER A 23 5.29 -4.15 5.91
N GLN A 24 5.85 -3.15 5.25
CA GLN A 24 5.34 -2.70 3.97
C GLN A 24 6.53 -2.33 3.08
N VAL A 25 6.49 -2.77 1.83
CA VAL A 25 7.56 -2.44 0.90
C VAL A 25 7.00 -1.75 -0.33
N VAL A 26 7.72 -0.74 -0.80
CA VAL A 26 7.35 -0.02 -2.00
C VAL A 26 7.48 -1.01 -3.14
N TYR A 27 8.61 -1.72 -3.16
CA TYR A 27 8.89 -2.73 -4.17
C TYR A 27 8.99 -4.10 -3.48
N GLY A 28 8.25 -5.08 -4.00
CA GLY A 28 8.33 -6.40 -3.39
C GLY A 28 7.02 -6.99 -2.90
N SER A 29 7.09 -8.23 -2.43
CA SER A 29 5.90 -8.92 -1.94
C SER A 29 6.10 -9.56 -0.58
N VAL A 30 6.26 -8.72 0.45
CA VAL A 30 6.43 -9.20 1.81
C VAL A 30 5.51 -8.37 2.70
N GLY A 31 5.25 -8.85 3.90
CA GLY A 31 4.37 -8.14 4.82
C GLY A 31 3.01 -7.88 4.21
N ASN A 32 2.46 -6.69 4.46
CA ASN A 32 1.16 -6.32 3.93
C ASN A 32 1.12 -6.18 2.42
N SER A 33 2.27 -6.01 1.79
CA SER A 33 2.32 -5.86 0.34
C SER A 33 1.84 -7.14 -0.32
N ILE A 34 1.99 -8.26 0.37
CA ILE A 34 1.54 -9.53 -0.19
C ILE A 34 0.30 -10.02 0.56
N ALA A 35 0.23 -9.75 1.86
CA ALA A 35 -0.91 -10.20 2.65
C ALA A 35 -2.24 -9.53 2.29
N VAL A 36 -2.22 -8.22 2.05
CA VAL A 36 -3.46 -7.52 1.71
C VAL A 36 -4.13 -8.07 0.46
N PRO A 37 -3.40 -8.17 -0.65
CA PRO A 37 -4.05 -8.70 -1.85
C PRO A 37 -4.46 -10.15 -1.71
N ALA A 38 -3.73 -10.90 -0.89
CA ALA A 38 -4.06 -12.30 -0.67
C ALA A 38 -5.37 -12.35 0.10
N ILE A 39 -5.48 -11.48 1.10
CA ILE A 39 -6.71 -11.40 1.90
C ILE A 39 -7.86 -10.91 1.02
N LYS A 40 -7.60 -9.94 0.15
CA LYS A 40 -8.66 -9.44 -0.75
C LYS A 40 -9.16 -10.57 -1.63
N GLN A 41 -8.25 -11.44 -2.05
CA GLN A 41 -8.59 -12.58 -2.90
C GLN A 41 -9.60 -13.50 -2.26
N ASN A 42 -9.56 -13.58 -0.93
CA ASN A 42 -10.48 -14.44 -0.21
C ASN A 42 -11.82 -13.78 0.05
N GLY A 43 -11.99 -12.58 -0.51
CA GLY A 43 -13.23 -11.85 -0.35
C GLY A 43 -13.39 -11.15 0.98
N LEU A 44 -12.27 -10.87 1.64
CA LEU A 44 -12.30 -10.18 2.93
C LEU A 44 -11.72 -8.78 2.85
N ASN A 45 -12.07 -7.94 3.82
CA ASN A 45 -11.57 -6.58 3.87
C ASN A 45 -10.51 -6.49 4.93
N VAL A 46 -9.57 -5.59 4.73
CA VAL A 46 -8.48 -5.46 5.67
C VAL A 46 -7.89 -4.07 5.68
N PHE A 47 -7.46 -3.63 6.85
CA PHE A 47 -6.80 -2.34 7.01
C PHE A 47 -5.37 -2.76 7.33
N ALA A 48 -4.41 -2.20 6.61
CA ALA A 48 -3.02 -2.55 6.84
C ALA A 48 -2.33 -1.47 7.64
N VAL A 49 -1.67 -1.87 8.71
CA VAL A 49 -0.94 -0.92 9.55
C VAL A 49 0.53 -1.29 9.46
N PRO A 50 1.35 -0.43 8.84
CA PRO A 50 2.79 -0.63 8.66
C PRO A 50 3.62 -0.49 9.93
N THR A 51 4.58 -1.38 10.11
CA THR A 51 5.46 -1.33 11.27
C THR A 51 6.80 -0.78 10.79
N VAL A 52 7.08 -1.02 9.51
CA VAL A 52 8.29 -0.53 8.86
C VAL A 52 7.90 -0.22 7.42
N LEU A 53 8.56 0.75 6.81
CA LEU A 53 8.25 1.09 5.43
C LEU A 53 9.57 1.07 4.66
N LEU A 54 9.86 -0.06 4.03
CA LEU A 54 11.10 -0.24 3.28
C LEU A 54 10.89 -0.18 1.76
N SER A 55 11.95 0.13 1.04
CA SER A 55 11.91 0.19 -0.42
C SER A 55 11.77 -1.25 -0.93
N ASN A 56 12.42 -2.16 -0.21
CA ASN A 56 12.41 -3.58 -0.53
C ASN A 56 13.02 -4.31 0.67
N THR A 57 12.97 -5.64 0.65
CA THR A 57 13.53 -6.38 1.76
C THR A 57 15.02 -6.07 1.84
N PRO A 58 15.61 -6.23 3.03
CA PRO A 58 17.04 -5.97 3.27
C PRO A 58 17.96 -6.96 2.55
N HIS A 59 17.36 -8.02 2.00
CA HIS A 59 18.11 -9.06 1.32
C HIS A 59 18.77 -8.62 0.02
N TYR A 60 18.24 -7.58 -0.60
CA TYR A 60 18.82 -7.08 -1.84
C TYR A 60 20.13 -6.33 -1.55
N ASP A 61 20.84 -5.96 -2.62
CA ASP A 61 22.11 -5.23 -2.50
C ASP A 61 21.92 -3.94 -1.73
N THR A 62 20.72 -3.37 -1.84
CA THR A 62 20.42 -2.11 -1.16
C THR A 62 18.98 -2.07 -0.68
N PHE A 63 18.73 -1.27 0.35
CA PHE A 63 17.38 -1.11 0.87
C PHE A 63 17.34 0.21 1.62
N TYR A 64 16.18 0.86 1.57
CA TYR A 64 16.00 2.14 2.23
C TYR A 64 14.67 2.17 2.96
N GLY A 65 14.59 3.05 3.97
CA GLY A 65 13.38 3.16 4.75
C GLY A 65 13.65 2.79 6.19
N GLY A 66 12.60 2.77 7.01
CA GLY A 66 12.79 2.42 8.40
C GLY A 66 11.51 2.13 9.15
N ALA A 67 11.63 2.09 10.48
CA ALA A 67 10.50 1.82 11.36
C ALA A 67 9.55 3.00 11.47
N ILE A 68 8.26 2.70 11.48
CA ILE A 68 7.24 3.74 11.61
C ILE A 68 7.34 4.28 13.04
N PRO A 69 7.45 5.61 13.19
CA PRO A 69 7.55 6.25 14.50
C PRO A 69 6.42 5.85 15.45
N ASP A 70 6.78 5.56 16.69
CA ASP A 70 5.81 5.17 17.72
C ASP A 70 4.55 6.04 17.67
N GLU A 71 4.74 7.35 17.62
CA GLU A 71 3.62 8.27 17.58
C GLU A 71 2.73 8.03 16.36
N TRP A 72 3.35 7.82 15.21
CA TRP A 72 2.60 7.55 13.98
C TRP A 72 1.90 6.22 14.14
N PHE A 73 2.67 5.20 14.54
CA PHE A 73 2.16 3.85 14.72
C PHE A 73 0.98 3.83 15.68
N SER A 74 1.16 4.46 16.84
CA SER A 74 0.10 4.52 17.83
C SER A 74 -1.09 5.26 17.25
N GLY A 75 -0.83 6.27 16.43
CA GLY A 75 -1.89 7.03 15.83
C GLY A 75 -2.72 6.24 14.84
N TYR A 76 -2.04 5.42 14.02
CA TYR A 76 -2.71 4.60 13.01
C TYR A 76 -3.71 3.65 13.66
N LEU A 77 -3.30 3.02 14.76
CA LEU A 77 -4.19 2.10 15.45
C LEU A 77 -5.37 2.85 16.06
N ARG A 78 -5.08 3.92 16.78
CA ARG A 78 -6.12 4.72 17.42
C ARG A 78 -7.13 5.28 16.43
N ALA A 79 -6.64 5.66 15.25
CA ALA A 79 -7.47 6.23 14.21
C ALA A 79 -8.54 5.24 13.75
N LEU A 80 -8.21 3.94 13.72
CA LEU A 80 -9.18 2.93 13.29
C LEU A 80 -10.38 2.92 14.24
N GLN A 81 -10.13 3.31 15.48
CA GLN A 81 -11.17 3.37 16.48
C GLN A 81 -11.95 4.67 16.32
N GLU A 82 -11.22 5.78 16.32
CA GLU A 82 -11.81 7.11 16.19
C GLU A 82 -12.62 7.27 14.90
N ARG A 83 -12.28 6.49 13.88
CA ARG A 83 -12.98 6.52 12.60
C ARG A 83 -14.16 5.56 12.62
N ASP A 84 -14.27 4.80 13.70
CA ASP A 84 -15.35 3.81 13.87
C ASP A 84 -15.36 2.81 12.71
N ALA A 85 -14.18 2.33 12.36
CA ALA A 85 -14.04 1.40 11.24
C ALA A 85 -13.86 -0.05 11.68
N LEU A 86 -14.20 -0.37 12.93
CA LEU A 86 -14.04 -1.73 13.43
C LEU A 86 -15.33 -2.46 13.77
N ARG A 87 -16.46 -2.01 13.21
CA ARG A 87 -17.74 -2.67 13.48
C ARG A 87 -17.71 -4.12 13.00
N GLN A 88 -16.89 -4.41 11.99
CA GLN A 88 -16.82 -5.76 11.43
C GLN A 88 -15.57 -6.54 11.82
N LEU A 89 -14.72 -5.96 12.67
CA LEU A 89 -13.47 -6.62 13.05
C LEU A 89 -13.65 -8.01 13.64
N ARG A 90 -12.94 -8.97 13.08
CA ARG A 90 -12.99 -10.34 13.55
C ARG A 90 -11.60 -10.88 13.82
N ALA A 91 -10.57 -10.18 13.33
CA ALA A 91 -9.21 -10.65 13.55
C ALA A 91 -8.14 -9.59 13.39
N VAL A 92 -7.03 -9.81 14.08
CA VAL A 92 -5.87 -8.93 13.99
C VAL A 92 -4.67 -9.84 13.85
N THR A 93 -3.93 -9.68 12.76
CA THR A 93 -2.74 -10.49 12.56
C THR A 93 -1.50 -9.62 12.73
N THR A 94 -0.46 -10.19 13.33
CA THR A 94 0.78 -9.45 13.54
C THR A 94 1.93 -10.17 12.85
N GLY A 95 2.80 -9.41 12.20
CA GLY A 95 3.93 -10.00 11.50
C GLY A 95 5.22 -9.30 11.89
N TYR A 96 6.06 -9.02 10.90
CA TYR A 96 7.33 -8.35 11.15
C TYR A 96 7.10 -7.02 11.87
N MET A 97 7.71 -6.88 13.05
CA MET A 97 7.57 -5.67 13.84
C MET A 97 8.88 -4.87 13.81
N GLY A 98 8.76 -3.55 13.88
CA GLY A 98 9.96 -2.73 13.85
C GLY A 98 10.66 -2.62 15.20
N THR A 99 9.91 -2.32 16.25
CA THR A 99 10.53 -2.16 17.55
C THR A 99 9.72 -2.76 18.66
N ALA A 100 10.36 -2.95 19.80
CA ALA A 100 9.69 -3.48 20.96
C ALA A 100 8.59 -2.49 21.35
N SER A 101 8.89 -1.19 21.21
CA SER A 101 7.92 -0.17 21.58
C SER A 101 6.63 -0.30 20.76
N GLN A 102 6.75 -0.72 19.51
CA GLN A 102 5.56 -0.90 18.68
C GLN A 102 4.75 -2.06 19.24
N ILE A 103 5.44 -3.12 19.64
CA ILE A 103 4.77 -4.29 20.18
C ILE A 103 4.00 -3.97 21.46
N LYS A 104 4.61 -3.18 22.34
CA LYS A 104 3.95 -2.80 23.59
C LYS A 104 2.71 -1.95 23.26
N ILE A 105 2.86 -1.01 22.33
CA ILE A 105 1.75 -0.15 21.92
C ILE A 105 0.65 -1.01 21.28
N LEU A 106 1.07 -1.96 20.44
CA LEU A 106 0.12 -2.84 19.77
C LEU A 106 -0.63 -3.66 20.81
N ALA A 107 0.11 -4.20 21.77
CA ALA A 107 -0.48 -5.01 22.84
C ALA A 107 -1.54 -4.20 23.59
N GLU A 108 -1.19 -2.96 23.95
CA GLU A 108 -2.13 -2.08 24.65
C GLU A 108 -3.39 -1.85 23.83
N TRP A 109 -3.21 -1.58 22.53
CA TRP A 109 -4.34 -1.36 21.65
C TRP A 109 -5.22 -2.62 21.65
N LEU A 110 -4.58 -3.78 21.55
CA LEU A 110 -5.30 -5.04 21.51
C LEU A 110 -6.04 -5.33 22.82
N THR A 111 -5.41 -5.02 23.95
CA THR A 111 -6.05 -5.25 25.23
C THR A 111 -7.32 -4.41 25.30
N ALA A 112 -7.23 -3.20 24.74
CA ALA A 112 -8.37 -2.29 24.73
C ALA A 112 -9.50 -2.83 23.84
N LEU A 113 -9.15 -3.40 22.70
CA LEU A 113 -10.15 -3.92 21.78
C LEU A 113 -11.00 -5.05 22.35
N ARG A 114 -10.34 -6.04 22.93
CA ARG A 114 -11.03 -7.21 23.50
C ARG A 114 -12.26 -6.86 24.34
N LYS A 115 -12.26 -5.69 24.95
CA LYS A 115 -13.37 -5.27 25.79
C LYS A 115 -14.64 -5.01 24.96
N ASP A 116 -14.46 -4.69 23.69
CA ASP A 116 -15.59 -4.43 22.80
C ASP A 116 -15.72 -5.52 21.74
N HIS A 117 -14.66 -6.32 21.59
CA HIS A 117 -14.64 -7.40 20.62
C HIS A 117 -14.21 -8.66 21.34
N PRO A 118 -15.09 -9.19 22.22
CA PRO A 118 -14.83 -10.40 23.00
C PRO A 118 -14.41 -11.62 22.17
N ASP A 119 -14.84 -11.67 20.92
CA ASP A 119 -14.50 -12.80 20.06
C ASP A 119 -13.33 -12.51 19.12
N LEU A 120 -12.62 -11.42 19.33
CA LEU A 120 -11.49 -11.08 18.47
C LEU A 120 -10.44 -12.17 18.40
N LEU A 121 -10.12 -12.60 17.19
CA LEU A 121 -9.11 -13.63 16.99
C LEU A 121 -7.78 -12.93 16.68
N ILE A 122 -6.87 -12.98 17.65
CA ILE A 122 -5.54 -12.38 17.52
C ILE A 122 -4.56 -13.46 17.10
N MET A 123 -3.98 -13.31 15.91
CA MET A 123 -3.02 -14.28 15.40
C MET A 123 -1.69 -13.58 15.25
N VAL A 124 -0.66 -14.07 15.92
CA VAL A 124 0.64 -13.43 15.83
C VAL A 124 1.74 -14.32 15.25
N ASP A 125 2.50 -13.74 14.32
CA ASP A 125 3.61 -14.44 13.72
C ASP A 125 4.81 -13.83 14.44
N PRO A 126 5.49 -14.64 15.28
CA PRO A 126 6.65 -14.21 16.07
C PRO A 126 7.93 -14.13 15.26
N VAL A 127 7.97 -13.24 14.27
CA VAL A 127 9.16 -13.11 13.44
C VAL A 127 10.34 -12.61 14.29
N ILE A 128 11.29 -13.49 14.52
CA ILE A 128 12.46 -13.17 15.33
C ILE A 128 13.75 -13.59 14.61
N GLY A 129 13.74 -14.79 14.06
CA GLY A 129 14.90 -15.28 13.34
C GLY A 129 14.85 -16.76 13.07
N ASP A 130 16.02 -17.37 13.02
CA ASP A 130 16.16 -18.80 12.78
C ASP A 130 17.50 -19.23 13.33
N ILE A 131 17.89 -20.47 13.08
CA ILE A 131 19.18 -20.96 13.57
C ILE A 131 20.21 -20.91 12.44
N ASP A 132 21.11 -19.93 12.53
CA ASP A 132 22.16 -19.72 11.54
C ASP A 132 22.99 -18.53 12.01
N SER A 133 22.30 -17.59 12.66
CA SER A 133 22.91 -16.38 13.19
C SER A 133 21.98 -15.95 14.32
N GLY A 134 20.82 -16.58 14.37
CA GLY A 134 19.84 -16.29 15.41
C GLY A 134 18.83 -15.21 15.07
N ILE A 135 18.72 -14.25 15.98
CA ILE A 135 17.78 -13.13 15.85
C ILE A 135 18.17 -12.10 14.78
N TYR A 136 17.40 -12.06 13.69
CA TYR A 136 17.68 -11.11 12.61
C TYR A 136 16.76 -9.89 12.62
N VAL A 137 16.14 -9.62 13.76
CA VAL A 137 15.25 -8.47 13.93
C VAL A 137 15.79 -7.67 15.12
N LYS A 138 15.12 -6.56 15.45
CA LYS A 138 15.54 -5.74 16.59
C LYS A 138 15.73 -6.67 17.79
N PRO A 139 16.90 -6.58 18.45
CA PRO A 139 17.25 -7.40 19.64
C PRO A 139 16.24 -7.43 20.78
N ASP A 140 15.48 -6.34 20.93
CA ASP A 140 14.50 -6.24 22.01
C ASP A 140 13.13 -6.83 21.69
N LEU A 141 12.94 -7.29 20.47
CA LEU A 141 11.64 -7.85 20.08
C LEU A 141 11.20 -9.06 20.89
N PRO A 142 12.09 -10.07 21.05
CA PRO A 142 11.78 -11.29 21.80
C PRO A 142 11.09 -11.07 23.14
N GLU A 143 11.74 -10.33 24.03
CA GLU A 143 11.16 -10.06 25.35
C GLU A 143 9.80 -9.40 25.17
N ALA A 144 9.72 -8.47 24.22
CA ALA A 144 8.45 -7.78 23.97
C ALA A 144 7.37 -8.78 23.57
N TYR A 145 7.73 -9.78 22.79
CA TYR A 145 6.76 -10.78 22.36
C TYR A 145 6.31 -11.59 23.58
N ARG A 146 7.29 -12.09 24.33
CA ARG A 146 7.01 -12.88 25.52
C ARG A 146 6.22 -12.15 26.60
N GLN A 147 6.50 -10.86 26.78
CA GLN A 147 5.81 -10.09 27.81
C GLN A 147 4.46 -9.52 27.45
N TYR A 148 4.37 -8.85 26.31
CA TYR A 148 3.13 -8.21 25.92
C TYR A 148 2.23 -8.87 24.88
N LEU A 149 2.80 -9.29 23.76
CA LEU A 149 1.99 -9.87 22.70
C LEU A 149 1.57 -11.33 22.86
N LEU A 150 2.51 -12.21 23.15
CA LEU A 150 2.20 -13.64 23.31
C LEU A 150 0.97 -13.89 24.19
N PRO A 151 0.92 -13.27 25.38
CA PRO A 151 -0.20 -13.45 26.30
C PRO A 151 -1.58 -13.16 25.68
N LEU A 152 -1.59 -12.42 24.57
CA LEU A 152 -2.83 -12.05 23.90
C LEU A 152 -3.24 -12.90 22.70
N ALA A 153 -2.27 -13.61 22.12
CA ALA A 153 -2.54 -14.42 20.94
C ALA A 153 -3.43 -15.63 21.14
N GLN A 154 -4.25 -15.89 20.11
CA GLN A 154 -5.13 -17.04 20.12
C GLN A 154 -4.34 -18.14 19.43
N GLY A 155 -3.51 -17.71 18.46
CA GLY A 155 -2.67 -18.64 17.73
C GLY A 155 -1.35 -18.00 17.35
N ILE A 156 -0.31 -18.80 17.24
CA ILE A 156 0.99 -18.27 16.83
C ILE A 156 1.58 -19.19 15.77
N THR A 157 2.51 -18.66 14.97
CA THR A 157 3.14 -19.44 13.91
C THR A 157 4.65 -19.35 13.91
N PRO A 158 5.30 -19.81 14.98
CA PRO A 158 6.77 -19.75 15.09
C PRO A 158 7.47 -20.87 14.34
N ASN A 159 8.75 -20.64 14.02
CA ASN A 159 9.53 -21.70 13.40
C ASN A 159 10.23 -22.32 14.59
N ILE A 160 11.08 -23.30 14.38
CA ILE A 160 11.75 -23.94 15.51
C ILE A 160 12.49 -22.96 16.41
N PHE A 161 13.37 -22.16 15.81
CA PHE A 161 14.15 -21.20 16.58
C PHE A 161 13.28 -20.24 17.38
N GLU A 162 12.22 -19.75 16.75
CA GLU A 162 11.33 -18.82 17.42
C GLU A 162 10.59 -19.47 18.59
N LEU A 163 10.25 -20.76 18.46
CA LEU A 163 9.56 -21.44 19.55
C LEU A 163 10.53 -21.61 20.72
N GLU A 164 11.81 -21.78 20.39
CA GLU A 164 12.84 -21.95 21.41
C GLU A 164 13.07 -20.66 22.18
N ILE A 165 13.04 -19.53 21.46
CA ILE A 165 13.24 -18.22 22.08
C ILE A 165 12.02 -17.85 22.93
N LEU A 166 10.84 -18.23 22.47
CA LEU A 166 9.61 -17.93 23.21
C LEU A 166 9.42 -18.83 24.45
N THR A 167 9.87 -20.08 24.37
CA THR A 167 9.70 -21.02 25.48
C THR A 167 10.96 -21.25 26.30
N GLY A 168 12.11 -20.92 25.73
CA GLY A 168 13.37 -21.14 26.44
C GLY A 168 13.65 -22.64 26.53
N LYS A 169 13.14 -23.39 25.55
CA LYS A 169 13.31 -24.84 25.50
C LYS A 169 13.86 -25.29 24.16
N ASN A 170 14.74 -26.29 24.20
CA ASN A 170 15.31 -26.84 22.98
C ASN A 170 14.14 -27.52 22.24
N CYS A 171 13.95 -27.18 20.97
CA CYS A 171 12.85 -27.76 20.20
C CYS A 171 13.33 -28.45 18.92
N ARG A 172 14.57 -28.95 18.91
CA ARG A 172 15.08 -29.61 17.70
C ARG A 172 14.31 -30.90 17.38
N ASP A 173 13.97 -31.67 18.40
CA ASP A 173 13.22 -32.92 18.19
C ASP A 173 11.72 -32.62 18.23
N LEU A 174 10.96 -33.28 17.37
CA LEU A 174 9.52 -33.06 17.31
C LEU A 174 8.84 -33.18 18.66
N ASP A 175 9.11 -34.26 19.38
CA ASP A 175 8.50 -34.46 20.69
C ASP A 175 8.83 -33.31 21.63
N SER A 176 10.00 -32.71 21.47
CA SER A 176 10.39 -31.58 22.30
C SER A 176 9.65 -30.34 21.86
N ALA A 177 9.53 -30.16 20.54
CA ALA A 177 8.82 -29.00 20.00
C ALA A 177 7.37 -29.07 20.45
N ILE A 178 6.80 -30.26 20.40
CA ILE A 178 5.40 -30.46 20.80
C ILE A 178 5.15 -30.11 22.25
N ALA A 179 6.05 -30.57 23.13
CA ALA A 179 5.92 -30.29 24.57
C ALA A 179 6.02 -28.79 24.79
N ALA A 180 7.01 -28.17 24.14
CA ALA A 180 7.21 -26.73 24.26
C ALA A 180 5.96 -25.97 23.84
N ALA A 181 5.41 -26.34 22.69
CA ALA A 181 4.19 -25.70 22.19
C ALA A 181 3.05 -25.93 23.17
N LYS A 182 2.91 -27.16 23.66
CA LYS A 182 1.85 -27.49 24.60
C LYS A 182 1.94 -26.64 25.87
N SER A 183 3.17 -26.40 26.33
CA SER A 183 3.39 -25.62 27.54
C SER A 183 2.92 -24.18 27.37
N LEU A 184 2.77 -23.75 26.12
CA LEU A 184 2.36 -22.39 25.81
C LEU A 184 0.84 -22.20 25.80
N LEU A 185 0.12 -23.30 25.53
CA LEU A 185 -1.33 -23.25 25.46
C LEU A 185 -1.93 -22.77 26.78
N SER A 186 -3.07 -22.10 26.69
CA SER A 186 -3.78 -21.57 27.86
C SER A 186 -5.24 -21.33 27.51
N ASP A 187 -5.93 -20.56 28.35
CA ASP A 187 -7.33 -20.24 28.09
C ASP A 187 -7.37 -19.28 26.91
N THR A 188 -6.28 -18.53 26.72
CA THR A 188 -6.16 -17.57 25.63
C THR A 188 -5.55 -18.19 24.38
N LEU A 189 -4.37 -18.79 24.54
CA LEU A 189 -3.65 -19.42 23.44
C LEU A 189 -4.26 -20.77 23.09
N LYS A 190 -4.93 -20.82 21.94
CA LYS A 190 -5.59 -22.04 21.49
C LYS A 190 -4.73 -22.95 20.63
N TRP A 191 -3.83 -22.39 19.86
CA TRP A 191 -3.02 -23.26 19.02
C TRP A 191 -1.65 -22.70 18.69
N VAL A 192 -0.76 -23.62 18.33
CA VAL A 192 0.58 -23.28 17.95
C VAL A 192 0.90 -24.04 16.67
N VAL A 193 1.22 -23.30 15.61
CA VAL A 193 1.59 -23.93 14.35
C VAL A 193 3.10 -23.77 14.23
N VAL A 194 3.82 -24.89 14.32
CA VAL A 194 5.27 -24.84 14.24
C VAL A 194 5.75 -25.26 12.87
N THR A 195 6.53 -24.39 12.24
CA THR A 195 7.06 -24.71 10.93
C THR A 195 8.53 -25.11 11.07
N SER A 196 8.88 -26.25 10.48
CA SER A 196 10.23 -26.75 10.56
C SER A 196 10.81 -26.91 9.16
N GLN A 204 13.82 -33.72 1.37
CA GLN A 204 13.63 -32.25 1.15
C GLN A 204 12.16 -31.90 1.37
N GLU A 205 11.73 -31.93 2.63
CA GLU A 205 10.35 -31.61 2.96
C GLU A 205 10.23 -30.54 4.03
N MET A 206 9.06 -29.89 4.06
CA MET A 206 8.77 -28.87 5.05
C MET A 206 7.78 -29.49 6.03
N GLN A 207 8.05 -29.31 7.32
CA GLN A 207 7.18 -29.86 8.34
C GLN A 207 6.40 -28.76 9.04
N VAL A 208 5.08 -28.86 8.99
CA VAL A 208 4.21 -27.90 9.63
C VAL A 208 3.44 -28.70 10.69
N VAL A 209 3.65 -28.36 11.95
CA VAL A 209 3.00 -29.07 13.04
C VAL A 209 1.95 -28.24 13.75
N VAL A 210 0.71 -28.72 13.73
CA VAL A 210 -0.39 -28.02 14.37
C VAL A 210 -0.59 -28.60 15.78
N VAL A 211 -0.47 -27.75 16.80
CA VAL A 211 -0.63 -28.20 18.17
C VAL A 211 -1.75 -27.49 18.91
N THR A 212 -2.64 -28.28 19.51
CA THR A 212 -3.75 -27.74 20.30
C THR A 212 -3.68 -28.50 21.63
N ALA A 213 -4.56 -28.14 22.57
CA ALA A 213 -4.56 -28.77 23.88
C ALA A 213 -4.80 -30.27 23.84
N ASP A 214 -5.58 -30.69 22.86
CA ASP A 214 -5.95 -32.09 22.72
C ASP A 214 -5.45 -32.80 21.46
N SER A 215 -4.62 -32.14 20.66
CA SER A 215 -4.17 -32.80 19.44
C SER A 215 -2.89 -32.27 18.83
N VAL A 216 -2.34 -33.07 17.94
CA VAL A 216 -1.13 -32.75 17.21
C VAL A 216 -1.31 -33.32 15.81
N ASN A 217 -1.25 -32.46 14.81
CA ASN A 217 -1.39 -32.86 13.43
C ASN A 217 -0.13 -32.44 12.68
N VAL A 218 0.55 -33.41 12.09
CA VAL A 218 1.78 -33.15 11.34
C VAL A 218 1.51 -33.10 9.85
N ILE A 219 1.83 -31.97 9.23
CA ILE A 219 1.64 -31.79 7.80
C ILE A 219 3.00 -31.63 7.13
N SER A 220 3.27 -32.51 6.17
CA SER A 220 4.54 -32.44 5.45
C SER A 220 4.30 -32.14 3.98
N HIS A 221 4.95 -31.09 3.49
CA HIS A 221 4.82 -30.71 2.10
C HIS A 221 6.17 -30.87 1.43
N SER A 222 6.19 -31.40 0.22
CA SER A 222 7.45 -31.55 -0.48
C SER A 222 7.80 -30.15 -0.96
N ARG A 223 8.74 -29.50 -0.26
CA ARG A 223 9.11 -28.14 -0.65
C ARG A 223 10.58 -28.00 -1.02
N VAL A 224 10.84 -27.14 -2.00
CA VAL A 224 12.19 -26.88 -2.47
C VAL A 224 12.71 -25.57 -1.92
N LYS A 225 13.93 -25.58 -1.40
CA LYS A 225 14.54 -24.39 -0.83
C LYS A 225 14.58 -23.27 -1.87
N THR A 226 14.02 -22.13 -1.51
CA THR A 226 13.98 -20.98 -2.41
C THR A 226 14.52 -19.73 -1.72
N ASP A 227 14.75 -18.68 -2.50
CA ASP A 227 15.23 -17.42 -1.95
C ASP A 227 14.07 -16.43 -1.88
N LEU A 228 12.92 -16.84 -2.38
CA LEU A 228 11.73 -16.00 -2.38
C LEU A 228 11.34 -15.64 -0.96
N LYS A 229 11.13 -14.35 -0.75
CA LYS A 229 10.76 -13.83 0.56
C LYS A 229 9.27 -13.57 0.66
N GLY A 230 8.79 -13.48 1.90
CA GLY A 230 7.39 -13.20 2.14
C GLY A 230 6.45 -14.39 2.22
N THR A 231 6.95 -15.61 2.01
CA THR A 231 6.09 -16.78 2.06
C THR A 231 5.45 -16.97 3.43
N GLY A 232 6.14 -16.57 4.50
CA GLY A 232 5.57 -16.69 5.83
C GLY A 232 4.37 -15.75 5.96
N ASP A 233 4.52 -14.57 5.36
CA ASP A 233 3.48 -13.54 5.40
C ASP A 233 2.29 -13.98 4.55
N LEU A 234 2.58 -14.64 3.43
CA LEU A 234 1.53 -15.14 2.55
C LEU A 234 0.81 -16.23 3.35
N PHE A 235 1.60 -17.12 3.96
CA PHE A 235 1.04 -18.21 4.75
C PHE A 235 -0.01 -17.72 5.75
N CYS A 236 0.39 -16.81 6.63
CA CYS A 236 -0.51 -16.29 7.64
C CYS A 236 -1.74 -15.62 7.03
N ALA A 237 -1.55 -14.94 5.92
CA ALA A 237 -2.64 -14.27 5.24
C ALA A 237 -3.71 -15.27 4.81
N GLN A 238 -3.27 -16.35 4.16
CA GLN A 238 -4.22 -17.37 3.69
C GLN A 238 -4.80 -18.20 4.82
N LEU A 239 -4.06 -18.27 5.93
CA LEU A 239 -4.49 -19.03 7.09
C LEU A 239 -5.64 -18.35 7.81
N ILE A 240 -5.48 -17.06 8.10
CA ILE A 240 -6.52 -16.33 8.79
C ILE A 240 -7.77 -16.24 7.91
N SER A 241 -7.56 -16.08 6.61
CA SER A 241 -8.69 -16.01 5.68
C SER A 241 -9.49 -17.30 5.77
N GLY A 242 -8.78 -18.43 5.80
CA GLY A 242 -9.45 -19.72 5.89
C GLY A 242 -10.21 -19.89 7.19
N LEU A 243 -9.59 -19.47 8.30
CA LEU A 243 -10.24 -19.59 9.59
C LEU A 243 -11.48 -18.70 9.65
N LEU A 244 -11.37 -17.51 9.07
CA LEU A 244 -12.49 -16.58 9.07
C LEU A 244 -13.60 -17.03 8.11
N LYS A 245 -13.25 -17.85 7.13
CA LYS A 245 -14.25 -18.32 6.18
C LYS A 245 -14.81 -19.70 6.57
N GLY A 246 -14.60 -20.07 7.83
CA GLY A 246 -15.13 -21.33 8.33
C GLY A 246 -14.35 -22.62 8.18
N LYS A 247 -13.06 -22.55 7.86
CA LYS A 247 -12.28 -23.77 7.71
C LYS A 247 -11.78 -24.24 9.08
N ALA A 248 -11.84 -25.55 9.33
CA ALA A 248 -11.35 -26.10 10.59
C ALA A 248 -9.83 -25.84 10.62
N LEU A 249 -9.28 -25.62 11.81
CA LEU A 249 -7.84 -25.32 11.97
C LEU A 249 -6.84 -26.06 11.09
N THR A 250 -6.75 -27.37 11.27
CA THR A 250 -5.79 -28.14 10.48
C THR A 250 -5.98 -27.96 8.97
N ASP A 251 -7.21 -28.09 8.51
CA ASP A 251 -7.53 -27.92 7.10
C ASP A 251 -7.09 -26.52 6.65
N ALA A 252 -7.33 -25.53 7.51
CA ALA A 252 -6.95 -24.16 7.22
C ALA A 252 -5.43 -24.03 7.08
N VAL A 253 -4.69 -24.78 7.89
CA VAL A 253 -3.22 -24.74 7.85
C VAL A 253 -2.74 -25.40 6.57
N HIS A 254 -3.28 -26.58 6.29
CA HIS A 254 -2.90 -27.33 5.09
C HIS A 254 -3.15 -26.50 3.82
N ARG A 255 -4.35 -25.92 3.69
CA ARG A 255 -4.68 -25.08 2.54
C ARG A 255 -3.74 -23.89 2.44
N ALA A 256 -3.44 -23.26 3.58
CA ALA A 256 -2.54 -22.11 3.56
C ALA A 256 -1.20 -22.58 3.01
N GLY A 257 -0.73 -23.72 3.53
CA GLY A 257 0.54 -24.26 3.06
C GLY A 257 0.54 -24.52 1.57
N LEU A 258 -0.57 -25.08 1.06
CA LEU A 258 -0.70 -25.38 -0.36
C LEU A 258 -0.75 -24.13 -1.23
N ARG A 259 -1.43 -23.09 -0.75
CA ARG A 259 -1.54 -21.86 -1.53
C ARG A 259 -0.14 -21.26 -1.68
N VAL A 260 0.64 -21.33 -0.60
CA VAL A 260 2.00 -20.80 -0.62
C VAL A 260 2.82 -21.56 -1.66
N LEU A 261 2.74 -22.89 -1.63
CA LEU A 261 3.48 -23.70 -2.60
C LEU A 261 3.04 -23.34 -4.01
N GLU A 262 1.73 -23.14 -4.18
CA GLU A 262 1.19 -22.81 -5.50
C GLU A 262 1.74 -21.47 -5.99
N VAL A 263 1.70 -20.46 -5.11
CA VAL A 263 2.19 -19.13 -5.47
C VAL A 263 3.65 -19.20 -5.85
N MET A 264 4.43 -19.94 -5.08
CA MET A 264 5.86 -20.08 -5.35
C MET A 264 6.09 -20.69 -6.73
N ARG A 265 5.28 -21.67 -7.08
CA ARG A 265 5.38 -22.32 -8.39
C ARG A 265 5.06 -21.32 -9.49
N TYR A 266 3.95 -20.60 -9.32
CA TYR A 266 3.52 -19.61 -10.28
C TYR A 266 4.60 -18.54 -10.45
N THR A 267 5.16 -18.09 -9.33
CA THR A 267 6.20 -17.07 -9.34
C THR A 267 7.46 -17.51 -10.10
N GLN A 268 7.87 -18.76 -9.87
CA GLN A 268 9.05 -19.29 -10.54
C GLN A 268 8.78 -19.52 -12.01
N GLN A 269 7.58 -19.99 -12.32
CA GLN A 269 7.17 -20.22 -13.70
C GLN A 269 7.15 -18.86 -14.37
N HIS A 270 6.98 -17.82 -13.57
CA HIS A 270 6.93 -16.45 -14.06
C HIS A 270 8.34 -15.89 -14.12
N GLU A 271 9.30 -16.66 -13.59
CA GLU A 271 10.70 -16.23 -13.58
C GLU A 271 10.84 -14.89 -12.88
N SER A 272 10.21 -14.76 -11.71
CA SER A 272 10.26 -13.53 -10.93
C SER A 272 10.95 -13.72 -9.59
N ASP A 273 11.69 -12.72 -9.16
CA ASP A 273 12.39 -12.78 -7.88
C ASP A 273 11.49 -12.34 -6.72
N GLU A 274 10.25 -11.96 -7.04
CA GLU A 274 9.28 -11.54 -6.02
C GLU A 274 7.97 -12.29 -6.23
N LEU A 275 7.32 -12.66 -5.13
CA LEU A 275 6.06 -13.39 -5.21
C LEU A 275 5.02 -12.65 -6.07
N ILE A 276 4.35 -13.42 -6.93
CA ILE A 276 3.29 -12.92 -7.79
C ILE A 276 2.07 -13.79 -7.53
N LEU A 277 0.95 -13.16 -7.20
CA LEU A 277 -0.27 -13.88 -6.90
C LEU A 277 -1.09 -14.35 -8.09
N PRO A 278 -1.33 -15.67 -8.20
CA PRO A 278 -2.14 -16.15 -9.32
C PRO A 278 -3.56 -16.04 -8.75
N PRO A 279 -4.59 -16.28 -9.57
CA PRO A 279 -5.93 -16.18 -8.97
C PRO A 279 -6.13 -17.32 -7.95
N LEU A 280 -7.11 -17.16 -7.07
CA LEU A 280 -7.39 -18.20 -6.07
C LEU A 280 -8.29 -19.27 -6.67
N SER B 2 9.92 3.55 -21.11
CA SER B 2 10.22 2.23 -21.75
C SER B 2 11.69 2.15 -22.16
N SER B 3 12.39 1.17 -21.62
CA SER B 3 13.81 0.99 -21.92
C SER B 3 14.03 0.74 -23.41
N LEU B 4 15.04 1.38 -23.98
CA LEU B 4 15.37 1.24 -25.40
C LEU B 4 16.48 0.23 -25.64
N LEU B 5 16.98 -0.37 -24.55
CA LEU B 5 18.04 -1.36 -24.65
C LEU B 5 17.52 -2.71 -25.14
N LEU B 6 17.56 -2.87 -26.46
CA LEU B 6 17.11 -4.10 -27.11
C LEU B 6 18.02 -5.25 -26.66
N PHE B 7 19.28 -4.93 -26.41
CA PHE B 7 20.27 -5.93 -26.00
C PHE B 7 20.25 -6.29 -24.51
N ASN B 8 19.41 -5.62 -23.74
CA ASN B 8 19.32 -5.88 -22.32
C ASN B 8 18.84 -7.29 -22.01
N ASP B 9 19.46 -7.89 -21.01
CA ASP B 9 19.10 -9.24 -20.60
C ASP B 9 17.77 -9.17 -19.88
N LYS B 10 17.15 -10.34 -19.73
CA LYS B 10 15.86 -10.47 -19.08
C LYS B 10 15.94 -10.10 -17.58
N SER B 11 15.05 -9.21 -17.14
CA SER B 11 15.00 -8.82 -15.73
C SER B 11 13.99 -9.72 -15.01
N ARG B 12 14.33 -10.16 -13.80
CA ARG B 12 13.46 -11.03 -13.02
C ARG B 12 12.63 -10.24 -12.00
N ALA B 13 12.79 -8.93 -12.01
CA ALA B 13 12.08 -8.05 -11.08
C ALA B 13 10.64 -7.75 -11.54
N LEU B 14 9.80 -7.33 -10.60
CA LEU B 14 8.43 -6.98 -10.94
C LEU B 14 8.53 -5.75 -11.83
N GLN B 15 7.63 -5.61 -12.77
CA GLN B 15 7.64 -4.48 -13.66
C GLN B 15 6.36 -3.68 -13.48
N ALA B 16 6.43 -2.38 -13.74
CA ALA B 16 5.26 -1.53 -13.58
C ALA B 16 5.15 -0.50 -14.69
N ASP B 17 3.92 -0.23 -15.10
CA ASP B 17 3.65 0.74 -16.16
C ASP B 17 3.74 2.14 -15.61
N ILE B 18 3.37 2.27 -14.34
CA ILE B 18 3.32 3.56 -13.67
C ILE B 18 3.95 3.56 -12.29
N VAL B 19 4.45 4.73 -11.90
CA VAL B 19 5.00 4.93 -10.58
C VAL B 19 4.20 6.15 -10.10
N ALA B 20 3.36 5.94 -9.12
CA ALA B 20 2.55 7.03 -8.61
C ALA B 20 3.15 7.54 -7.29
N VAL B 21 3.46 8.83 -7.26
CA VAL B 21 4.06 9.43 -6.08
C VAL B 21 3.06 10.37 -5.44
N GLN B 22 2.49 9.93 -4.32
CA GLN B 22 1.47 10.70 -3.61
C GLN B 22 1.42 10.28 -2.15
N SER B 23 0.35 10.72 -1.49
CA SER B 23 0.10 10.41 -0.10
C SER B 23 -0.49 9.00 0.05
N GLN B 24 -0.50 8.50 1.28
CA GLN B 24 -1.05 7.19 1.57
C GLN B 24 -1.75 7.27 2.91
N VAL B 25 -2.90 6.60 3.02
CA VAL B 25 -3.65 6.60 4.26
C VAL B 25 -3.98 5.18 4.68
N VAL B 26 -3.77 4.87 5.94
CA VAL B 26 -4.08 3.54 6.44
C VAL B 26 -5.58 3.34 6.25
N TYR B 27 -6.34 4.36 6.62
CA TYR B 27 -7.80 4.33 6.50
C TYR B 27 -8.27 5.37 5.50
N GLY B 28 -9.03 4.96 4.49
CA GLY B 28 -9.51 5.93 3.54
C GLY B 28 -9.16 5.70 2.08
N SER B 29 -9.65 6.60 1.23
CA SER B 29 -9.44 6.49 -0.21
C SER B 29 -8.94 7.79 -0.87
N VAL B 30 -7.73 8.21 -0.51
CA VAL B 30 -7.12 9.39 -1.11
C VAL B 30 -5.71 8.99 -1.57
N GLY B 31 -5.13 9.78 -2.47
CA GLY B 31 -3.79 9.49 -2.93
C GLY B 31 -3.70 8.10 -3.52
N ASN B 32 -2.57 7.43 -3.28
CA ASN B 32 -2.39 6.09 -3.81
C ASN B 32 -3.37 5.06 -3.27
N SER B 33 -3.95 5.35 -2.11
CA SER B 33 -4.91 4.42 -1.53
C SER B 33 -6.13 4.24 -2.42
N ILE B 34 -6.37 5.17 -3.34
CA ILE B 34 -7.50 5.05 -4.25
C ILE B 34 -6.97 4.90 -5.67
N ALA B 35 -5.85 5.55 -5.94
CA ALA B 35 -5.26 5.50 -7.27
C ALA B 35 -4.74 4.10 -7.63
N VAL B 36 -3.98 3.47 -6.74
CA VAL B 36 -3.47 2.13 -7.06
C VAL B 36 -4.57 1.14 -7.46
N PRO B 37 -5.62 0.98 -6.63
CA PRO B 37 -6.69 0.04 -6.97
C PRO B 37 -7.37 0.44 -8.29
N ALA B 38 -7.57 1.74 -8.49
CA ALA B 38 -8.20 2.19 -9.73
C ALA B 38 -7.29 1.84 -10.90
N ILE B 39 -5.99 2.05 -10.75
CA ILE B 39 -5.06 1.72 -11.82
C ILE B 39 -5.11 0.22 -12.09
N LYS B 40 -5.11 -0.57 -11.02
CA LYS B 40 -5.18 -2.02 -11.13
C LYS B 40 -6.43 -2.41 -11.91
N GLN B 41 -7.56 -1.75 -11.64
CA GLN B 41 -8.79 -2.09 -12.35
C GLN B 41 -8.59 -2.00 -13.85
N ASN B 42 -7.79 -1.03 -14.28
CA ASN B 42 -7.54 -0.80 -15.70
C ASN B 42 -6.55 -1.77 -16.31
N GLY B 43 -6.15 -2.77 -15.54
CA GLY B 43 -5.22 -3.76 -16.05
C GLY B 43 -3.78 -3.28 -16.16
N LEU B 44 -3.40 -2.28 -15.35
CA LEU B 44 -2.02 -1.80 -15.39
C LEU B 44 -1.32 -2.10 -14.06
N ASN B 45 0.00 -2.09 -14.08
CA ASN B 45 0.77 -2.34 -12.86
C ASN B 45 1.34 -1.02 -12.39
N VAL B 46 1.47 -0.86 -11.08
CA VAL B 46 1.97 0.39 -10.54
C VAL B 46 2.75 0.20 -9.24
N PHE B 47 3.74 1.06 -9.04
CA PHE B 47 4.53 1.08 -7.82
C PHE B 47 4.09 2.36 -7.10
N ALA B 48 3.74 2.25 -5.83
CA ALA B 48 3.31 3.39 -5.04
C ALA B 48 4.42 3.92 -4.14
N VAL B 49 4.77 5.19 -4.31
CA VAL B 49 5.79 5.81 -3.50
C VAL B 49 5.10 6.91 -2.71
N PRO B 50 4.98 6.72 -1.38
CA PRO B 50 4.32 7.70 -0.51
C PRO B 50 5.13 8.95 -0.18
N THR B 51 4.41 10.07 -0.08
CA THR B 51 4.99 11.35 0.27
C THR B 51 4.70 11.60 1.75
N VAL B 52 3.56 11.09 2.19
CA VAL B 52 3.14 11.16 3.59
C VAL B 52 2.38 9.86 3.87
N LEU B 53 2.46 9.39 5.10
CA LEU B 53 1.76 8.16 5.50
C LEU B 53 0.88 8.59 6.68
N LEU B 54 -0.39 8.83 6.38
CA LEU B 54 -1.34 9.28 7.39
C LEU B 54 -2.34 8.21 7.76
N SER B 55 -2.94 8.35 8.95
CA SER B 55 -3.94 7.40 9.41
C SER B 55 -5.20 7.58 8.56
N ASN B 56 -5.45 8.81 8.15
CA ASN B 56 -6.59 9.19 7.34
C ASN B 56 -6.40 10.65 6.93
N THR B 57 -7.27 11.18 6.09
CA THR B 57 -7.13 12.57 5.67
C THR B 57 -7.27 13.52 6.86
N PRO B 58 -6.62 14.69 6.80
CA PRO B 58 -6.66 15.69 7.88
C PRO B 58 -8.02 16.35 8.06
N HIS B 59 -8.98 15.92 7.25
CA HIS B 59 -10.33 16.45 7.29
C HIS B 59 -11.15 15.94 8.46
N TYR B 60 -10.86 14.73 8.93
CA TYR B 60 -11.59 14.17 10.06
C TYR B 60 -11.17 14.86 11.35
N ASP B 61 -11.83 14.54 12.46
CA ASP B 61 -11.52 15.15 13.75
C ASP B 61 -10.11 14.90 14.23
N THR B 62 -9.57 13.73 13.90
CA THR B 62 -8.21 13.37 14.30
C THR B 62 -7.52 12.75 13.09
N PHE B 63 -6.19 12.79 13.10
CA PHE B 63 -5.39 12.18 12.03
C PHE B 63 -3.95 12.11 12.53
N TYR B 64 -3.22 11.09 12.10
CA TYR B 64 -1.84 10.96 12.55
C TYR B 64 -0.92 10.57 11.42
N GLY B 65 0.38 10.66 11.67
CA GLY B 65 1.37 10.35 10.66
C GLY B 65 1.95 11.62 10.10
N GLY B 66 2.87 11.51 9.15
CA GLY B 66 3.47 12.69 8.57
C GLY B 66 4.21 12.44 7.27
N ALA B 67 5.07 13.38 6.90
CA ALA B 67 5.85 13.29 5.68
C ALA B 67 6.95 12.25 5.76
N ILE B 68 7.15 11.54 4.65
CA ILE B 68 8.18 10.52 4.55
C ILE B 68 9.53 11.24 4.54
N PRO B 69 10.45 10.85 5.42
CA PRO B 69 11.77 11.49 5.47
C PRO B 69 12.51 11.50 4.13
N ASP B 70 13.17 12.61 3.82
CA ASP B 70 13.92 12.76 2.57
C ASP B 70 14.76 11.53 2.25
N GLU B 71 15.49 11.03 3.24
CA GLU B 71 16.36 9.87 3.05
C GLU B 71 15.56 8.64 2.61
N TRP B 72 14.42 8.41 3.26
CA TRP B 72 13.58 7.28 2.89
C TRP B 72 12.99 7.52 1.50
N PHE B 73 12.42 8.70 1.31
CA PHE B 73 11.79 9.09 0.05
C PHE B 73 12.75 8.91 -1.14
N SER B 74 13.93 9.51 -1.02
CA SER B 74 14.92 9.40 -2.07
C SER B 74 15.27 7.93 -2.26
N GLY B 75 15.43 7.21 -1.16
CA GLY B 75 15.77 5.80 -1.24
C GLY B 75 14.73 4.98 -1.99
N TYR B 76 13.46 5.26 -1.74
CA TYR B 76 12.39 4.53 -2.41
C TYR B 76 12.52 4.68 -3.92
N LEU B 77 12.73 5.90 -4.37
CA LEU B 77 12.86 6.17 -5.80
C LEU B 77 14.11 5.50 -6.38
N ARG B 78 15.20 5.61 -5.63
CA ARG B 78 16.47 5.02 -6.05
C ARG B 78 16.36 3.50 -6.12
N ALA B 79 15.68 2.92 -5.13
CA ALA B 79 15.50 1.47 -5.09
C ALA B 79 14.81 0.95 -6.35
N LEU B 80 13.84 1.70 -6.88
CA LEU B 80 13.13 1.26 -8.08
C LEU B 80 14.08 1.08 -9.24
N GLN B 81 15.11 1.94 -9.29
CA GLN B 81 16.12 1.86 -10.34
C GLN B 81 17.05 0.67 -10.07
N GLU B 82 17.57 0.60 -8.84
CA GLU B 82 18.49 -0.46 -8.45
C GLU B 82 17.88 -1.86 -8.49
N ARG B 83 16.56 -1.94 -8.39
CA ARG B 83 15.90 -3.23 -8.43
C ARG B 83 15.61 -3.57 -9.89
N ASP B 84 15.94 -2.63 -10.78
CA ASP B 84 15.75 -2.81 -12.21
C ASP B 84 14.30 -3.19 -12.54
N ALA B 85 13.36 -2.47 -11.93
CA ALA B 85 11.94 -2.74 -12.14
C ALA B 85 11.26 -1.70 -13.03
N LEU B 86 12.04 -0.97 -13.82
CA LEU B 86 11.47 0.08 -14.67
C LEU B 86 11.51 -0.17 -16.18
N ARG B 87 11.73 -1.41 -16.59
CA ARG B 87 11.77 -1.71 -18.03
C ARG B 87 10.47 -1.35 -18.74
N GLN B 88 9.35 -1.54 -18.04
CA GLN B 88 8.03 -1.26 -18.61
C GLN B 88 7.48 0.11 -18.27
N LEU B 89 8.26 0.90 -17.52
CA LEU B 89 7.80 2.21 -17.10
C LEU B 89 7.42 3.12 -18.26
N ARG B 90 6.15 3.52 -18.27
CA ARG B 90 5.62 4.40 -19.31
C ARG B 90 5.15 5.74 -18.74
N ALA B 91 5.01 5.83 -17.42
CA ALA B 91 4.55 7.07 -16.82
C ALA B 91 4.80 7.18 -15.32
N VAL B 92 4.90 8.43 -14.85
CA VAL B 92 5.12 8.74 -13.45
C VAL B 92 4.13 9.85 -13.12
N THR B 93 3.23 9.61 -12.17
CA THR B 93 2.26 10.61 -11.80
C THR B 93 2.65 11.20 -10.44
N THR B 94 2.31 12.46 -10.22
CA THR B 94 2.63 13.11 -8.97
C THR B 94 1.38 13.76 -8.43
N GLY B 95 1.18 13.63 -7.13
CA GLY B 95 0.02 14.22 -6.49
C GLY B 95 0.50 14.97 -5.28
N TYR B 96 -0.29 14.93 -4.21
CA TYR B 96 0.05 15.63 -2.99
C TYR B 96 1.49 15.37 -2.55
N MET B 97 2.26 16.43 -2.45
CA MET B 97 3.65 16.33 -2.02
C MET B 97 3.77 16.80 -0.58
N GLY B 98 4.57 16.09 0.20
CA GLY B 98 4.76 16.45 1.60
C GLY B 98 5.59 17.71 1.82
N THR B 99 6.68 17.85 1.08
CA THR B 99 7.54 19.02 1.25
C THR B 99 8.19 19.45 -0.05
N ALA B 100 8.80 20.63 -0.03
CA ALA B 100 9.49 21.14 -1.20
C ALA B 100 10.72 20.29 -1.47
N SER B 101 11.33 19.79 -0.41
CA SER B 101 12.53 18.94 -0.52
C SER B 101 12.22 17.66 -1.28
N GLN B 102 11.03 17.10 -1.06
CA GLN B 102 10.63 15.89 -1.77
C GLN B 102 10.48 16.23 -3.25
N ILE B 103 9.93 17.41 -3.53
CA ILE B 103 9.76 17.82 -4.92
C ILE B 103 11.10 17.90 -5.62
N LYS B 104 12.10 18.43 -4.92
CA LYS B 104 13.44 18.54 -5.49
C LYS B 104 13.99 17.13 -5.74
N ILE B 105 13.86 16.28 -4.74
CA ILE B 105 14.33 14.90 -4.84
C ILE B 105 13.66 14.15 -5.98
N LEU B 106 12.34 14.29 -6.06
CA LEU B 106 11.58 13.62 -7.11
C LEU B 106 12.03 14.13 -8.48
N ALA B 107 12.14 15.44 -8.60
CA ALA B 107 12.56 16.05 -9.86
C ALA B 107 13.91 15.51 -10.31
N GLU B 108 14.88 15.44 -9.40
CA GLU B 108 16.20 14.95 -9.78
C GLU B 108 16.13 13.50 -10.28
N TRP B 109 15.33 12.70 -9.60
CA TRP B 109 15.16 11.31 -9.96
C TRP B 109 14.57 11.27 -11.36
N LEU B 110 13.58 12.12 -11.61
CA LEU B 110 12.93 12.20 -12.92
C LEU B 110 13.84 12.65 -14.05
N THR B 111 14.68 13.65 -13.80
CA THR B 111 15.58 14.11 -14.85
C THR B 111 16.49 12.96 -15.26
N ALA B 112 16.99 12.22 -14.28
CA ALA B 112 17.85 11.09 -14.55
C ALA B 112 17.10 10.07 -15.39
N LEU B 113 15.91 9.69 -14.93
CA LEU B 113 15.08 8.71 -15.62
C LEU B 113 14.81 9.08 -17.07
N ARG B 114 14.42 10.32 -17.31
CA ARG B 114 14.13 10.81 -18.65
C ARG B 114 15.18 10.43 -19.67
N LYS B 115 16.42 10.32 -19.22
CA LYS B 115 17.53 9.99 -20.12
C LYS B 115 17.49 8.55 -20.65
N ASP B 116 16.89 7.66 -19.88
CA ASP B 116 16.78 6.25 -20.29
C ASP B 116 15.37 5.90 -20.70
N HIS B 117 14.44 6.82 -20.48
CA HIS B 117 13.04 6.61 -20.82
C HIS B 117 12.53 7.84 -21.57
N PRO B 118 12.92 7.98 -22.85
CA PRO B 118 12.51 9.11 -23.69
C PRO B 118 11.01 9.24 -23.87
N ASP B 119 10.30 8.12 -23.74
CA ASP B 119 8.85 8.09 -23.92
C ASP B 119 8.09 8.38 -22.62
N LEU B 120 8.82 8.62 -21.53
CA LEU B 120 8.22 8.87 -20.23
C LEU B 120 7.16 9.97 -20.23
N LEU B 121 5.97 9.63 -19.76
CA LEU B 121 4.89 10.62 -19.67
C LEU B 121 4.83 11.02 -18.20
N ILE B 122 5.38 12.18 -17.89
CA ILE B 122 5.37 12.68 -16.53
C ILE B 122 4.14 13.56 -16.37
N MET B 123 3.19 13.10 -15.55
CA MET B 123 1.95 13.83 -15.32
C MET B 123 1.94 14.37 -13.89
N VAL B 124 1.79 15.69 -13.78
CA VAL B 124 1.80 16.36 -12.48
C VAL B 124 0.46 16.96 -12.07
N ASP B 125 0.07 16.72 -10.83
CA ASP B 125 -1.15 17.29 -10.28
C ASP B 125 -0.60 18.27 -9.25
N PRO B 126 -0.59 19.57 -9.59
CA PRO B 126 -0.08 20.66 -8.74
C PRO B 126 -0.90 20.94 -7.49
N VAL B 127 -1.03 19.94 -6.62
CA VAL B 127 -1.80 20.11 -5.39
C VAL B 127 -1.20 21.21 -4.51
N ILE B 128 -1.79 22.39 -4.60
CA ILE B 128 -1.33 23.55 -3.82
C ILE B 128 -2.57 24.18 -3.19
N GLY B 129 -2.60 24.25 -1.87
CA GLY B 129 -3.75 24.84 -1.19
C GLY B 129 -4.67 23.80 -0.57
N ASP B 130 -5.62 24.27 0.24
CA ASP B 130 -6.55 23.38 0.93
C ASP B 130 -8.01 23.57 0.56
N ILE B 131 -8.82 23.84 1.58
CA ILE B 131 -10.27 24.03 1.45
C ILE B 131 -10.63 25.29 0.67
N LYS B 138 1.71 28.49 1.87
CA LYS B 138 3.14 28.16 2.19
C LYS B 138 4.02 28.32 0.95
N PRO B 139 4.71 29.46 0.84
CA PRO B 139 5.63 29.87 -0.24
C PRO B 139 6.52 28.77 -0.80
N ASP B 140 6.98 27.90 0.10
CA ASP B 140 7.86 26.79 -0.23
C ASP B 140 7.47 25.93 -1.45
N LEU B 141 6.28 25.36 -1.40
CA LEU B 141 5.78 24.47 -2.43
C LEU B 141 5.67 25.02 -3.87
N PRO B 142 5.02 26.17 -4.06
CA PRO B 142 4.87 26.76 -5.40
C PRO B 142 6.17 26.91 -6.18
N GLU B 143 7.20 27.40 -5.49
CA GLU B 143 8.50 27.60 -6.11
C GLU B 143 9.17 26.28 -6.48
N ALA B 144 8.99 25.27 -5.62
CA ALA B 144 9.58 23.96 -5.88
C ALA B 144 9.00 23.41 -7.18
N TYR B 145 7.68 23.56 -7.35
CA TYR B 145 6.99 23.11 -8.56
C TYR B 145 7.51 23.87 -9.78
N ARG B 146 7.65 25.18 -9.66
CA ARG B 146 8.12 25.98 -10.79
C ARG B 146 9.56 25.68 -11.18
N GLN B 147 10.44 25.55 -10.20
CA GLN B 147 11.84 25.28 -10.50
C GLN B 147 12.12 23.85 -10.93
N TYR B 148 11.54 22.89 -10.22
CA TYR B 148 11.83 21.49 -10.50
C TYR B 148 10.90 20.61 -11.32
N LEU B 149 9.64 20.53 -10.93
CA LEU B 149 8.70 19.64 -11.58
C LEU B 149 8.01 20.16 -12.84
N LEU B 150 7.64 21.44 -12.84
CA LEU B 150 6.97 22.01 -13.99
C LEU B 150 7.76 21.82 -15.29
N PRO B 151 9.08 22.09 -15.26
CA PRO B 151 9.89 21.92 -16.47
C PRO B 151 10.03 20.48 -16.96
N LEU B 152 9.54 19.53 -16.17
CA LEU B 152 9.65 18.11 -16.53
C LEU B 152 8.33 17.48 -16.97
N ALA B 153 7.22 18.04 -16.52
CA ALA B 153 5.89 17.49 -16.82
C ALA B 153 5.49 17.54 -18.28
N GLN B 154 4.79 16.49 -18.73
CA GLN B 154 4.31 16.42 -20.10
C GLN B 154 2.88 16.96 -20.06
N GLY B 155 2.22 16.76 -18.91
CA GLY B 155 0.87 17.24 -18.71
C GLY B 155 0.62 17.60 -17.25
N ILE B 156 -0.23 18.60 -17.01
CA ILE B 156 -0.57 19.01 -15.64
C ILE B 156 -2.07 19.18 -15.48
N THR B 157 -2.57 18.93 -14.28
CA THR B 157 -3.99 19.02 -14.00
C THR B 157 -4.33 20.01 -12.88
N PRO B 158 -4.10 21.30 -13.10
CA PRO B 158 -4.42 22.26 -12.05
C PRO B 158 -5.87 22.74 -12.06
N ASN B 159 -6.33 23.23 -10.91
CA ASN B 159 -7.66 23.81 -10.87
C ASN B 159 -7.36 25.29 -11.09
N ILE B 160 -8.38 26.14 -11.15
CA ILE B 160 -8.15 27.56 -11.39
C ILE B 160 -7.14 28.18 -10.44
N PHE B 161 -7.31 27.95 -9.15
CA PHE B 161 -6.42 28.50 -8.14
C PHE B 161 -4.98 28.08 -8.38
N GLU B 162 -4.75 26.79 -8.60
CA GLU B 162 -3.40 26.31 -8.81
C GLU B 162 -2.82 26.84 -10.10
N LEU B 163 -3.66 27.02 -11.12
CA LEU B 163 -3.17 27.54 -12.38
C LEU B 163 -2.69 28.97 -12.17
N GLU B 164 -3.41 29.71 -11.33
CA GLU B 164 -3.06 31.10 -11.04
C GLU B 164 -1.78 31.17 -10.23
N ILE B 165 -1.64 30.28 -9.26
CA ILE B 165 -0.46 30.24 -8.42
C ILE B 165 0.80 29.98 -9.26
N LEU B 166 0.78 28.91 -10.04
CA LEU B 166 1.92 28.57 -10.88
C LEU B 166 2.32 29.66 -11.86
N THR B 167 1.34 30.25 -12.54
CA THR B 167 1.62 31.28 -13.53
C THR B 167 1.58 32.71 -13.00
N GLY B 168 0.96 32.93 -11.84
CA GLY B 168 0.89 34.27 -11.30
C GLY B 168 -0.01 35.16 -12.14
N LYS B 169 -0.81 34.55 -13.01
CA LYS B 169 -1.73 35.26 -13.89
C LYS B 169 -3.17 35.14 -13.40
N ASN B 170 -4.04 36.00 -13.90
CA ASN B 170 -5.44 35.95 -13.52
C ASN B 170 -6.17 35.06 -14.52
N CYS B 171 -6.96 34.11 -14.00
CA CYS B 171 -7.68 33.18 -14.86
C CYS B 171 -9.15 33.13 -14.48
N ARG B 172 -9.80 34.29 -14.46
CA ARG B 172 -11.20 34.34 -14.10
C ARG B 172 -12.16 34.48 -15.29
N ASP B 173 -11.79 33.84 -16.39
CA ASP B 173 -12.59 33.81 -17.61
C ASP B 173 -11.92 32.82 -18.56
N LEU B 174 -12.72 32.21 -19.43
CA LEU B 174 -12.22 31.21 -20.37
C LEU B 174 -10.95 31.61 -21.10
N ASP B 175 -10.99 32.72 -21.83
CA ASP B 175 -9.82 33.18 -22.58
C ASP B 175 -8.56 33.32 -21.74
N SER B 176 -8.70 33.90 -20.55
CA SER B 176 -7.57 34.08 -19.65
C SER B 176 -7.02 32.76 -19.17
N ALA B 177 -7.92 31.88 -18.74
CA ALA B 177 -7.52 30.57 -18.25
C ALA B 177 -6.75 29.86 -19.35
N ILE B 178 -7.29 29.92 -20.56
CA ILE B 178 -6.65 29.30 -21.70
C ILE B 178 -5.28 29.94 -21.90
N ALA B 179 -5.25 31.28 -21.90
CA ALA B 179 -4.02 32.02 -22.09
C ALA B 179 -2.93 31.57 -21.11
N ALA B 180 -3.26 31.48 -19.83
CA ALA B 180 -2.29 31.06 -18.83
C ALA B 180 -1.82 29.64 -19.12
N ALA B 181 -2.76 28.74 -19.41
CA ALA B 181 -2.41 27.35 -19.71
C ALA B 181 -1.47 27.31 -20.90
N LYS B 182 -1.83 28.04 -21.96
CA LYS B 182 -0.99 28.09 -23.18
C LYS B 182 0.43 28.50 -22.84
N SER B 183 0.56 29.46 -21.92
CA SER B 183 1.86 29.99 -21.54
C SER B 183 2.76 28.94 -20.91
N LEU B 184 2.17 27.90 -20.35
CA LEU B 184 2.96 26.84 -19.74
C LEU B 184 3.44 25.80 -20.75
N LEU B 185 2.80 25.76 -21.91
CA LEU B 185 3.19 24.79 -22.92
C LEU B 185 4.64 24.99 -23.36
N SER B 186 5.26 23.91 -23.83
CA SER B 186 6.62 23.95 -24.31
C SER B 186 6.86 22.66 -25.10
N ASP B 187 8.11 22.37 -25.44
CA ASP B 187 8.40 21.15 -26.18
C ASP B 187 8.24 19.96 -25.24
N THR B 188 8.25 20.24 -23.94
CA THR B 188 8.10 19.19 -22.93
C THR B 188 6.67 19.12 -22.42
N LEU B 189 6.11 20.28 -22.07
CA LEU B 189 4.74 20.37 -21.56
C LEU B 189 3.78 20.35 -22.75
N LYS B 190 3.15 19.20 -22.98
CA LYS B 190 2.25 19.06 -24.10
C LYS B 190 0.80 19.43 -23.85
N TRP B 191 0.34 19.29 -22.62
CA TRP B 191 -1.03 19.63 -22.34
C TRP B 191 -1.31 20.09 -20.92
N VAL B 192 -2.36 20.89 -20.79
CA VAL B 192 -2.78 21.40 -19.50
C VAL B 192 -4.26 21.14 -19.36
N VAL B 193 -4.64 20.44 -18.30
CA VAL B 193 -6.05 20.16 -18.06
C VAL B 193 -6.46 20.96 -16.84
N VAL B 194 -7.20 22.04 -17.06
CA VAL B 194 -7.65 22.88 -15.97
C VAL B 194 -9.11 22.62 -15.66
N THR B 195 -9.40 22.44 -14.37
CA THR B 195 -10.77 22.17 -13.94
C THR B 195 -11.22 23.15 -12.86
N SER B 196 -12.52 23.42 -12.80
CA SER B 196 -13.09 24.31 -11.80
C SER B 196 -14.46 23.83 -11.37
N ALA B 197 -14.61 23.58 -10.07
CA ALA B 197 -15.88 23.12 -9.53
C ALA B 197 -16.71 24.34 -9.17
N SER B 198 -17.83 24.54 -9.87
CA SER B 198 -18.71 25.67 -9.60
C SER B 198 -19.84 25.20 -8.71
N GLY B 199 -19.81 25.60 -7.45
CA GLY B 199 -20.87 25.20 -6.52
C GLY B 199 -22.10 26.07 -6.66
N GLU B 202 -28.04 21.37 -4.03
CA GLU B 202 -26.86 22.01 -4.68
C GLU B 202 -26.21 21.05 -5.66
N ASN B 203 -25.88 21.55 -6.85
CA ASN B 203 -25.24 20.73 -7.87
C ASN B 203 -24.00 21.41 -8.44
N GLN B 204 -22.85 21.08 -7.90
CA GLN B 204 -21.60 21.66 -8.38
C GLN B 204 -21.35 21.26 -9.82
N GLU B 205 -20.90 22.21 -10.64
CA GLU B 205 -20.59 21.91 -12.02
C GLU B 205 -19.09 21.73 -12.14
N MET B 206 -18.67 20.67 -12.82
CA MET B 206 -17.25 20.44 -13.04
C MET B 206 -16.89 20.96 -14.43
N GLN B 207 -16.31 22.16 -14.47
CA GLN B 207 -15.93 22.77 -15.73
C GLN B 207 -14.50 22.34 -16.04
N VAL B 208 -14.29 21.83 -17.23
CA VAL B 208 -12.96 21.36 -17.62
C VAL B 208 -12.51 21.92 -18.96
N VAL B 209 -11.25 22.34 -19.01
CA VAL B 209 -10.69 22.90 -20.23
C VAL B 209 -9.39 22.17 -20.54
N VAL B 210 -9.39 21.46 -21.67
CA VAL B 210 -8.21 20.72 -22.10
C VAL B 210 -7.48 21.59 -23.10
N VAL B 211 -6.23 21.94 -22.76
CA VAL B 211 -5.44 22.81 -23.60
C VAL B 211 -4.14 22.21 -24.12
N THR B 212 -3.94 22.31 -25.43
CA THR B 212 -2.73 21.82 -26.08
C THR B 212 -2.20 22.95 -26.96
N ALA B 213 -1.11 22.70 -27.66
CA ALA B 213 -0.55 23.74 -28.53
C ALA B 213 -1.48 24.02 -29.71
N ASP B 214 -2.13 22.99 -30.23
CA ASP B 214 -3.00 23.16 -31.39
C ASP B 214 -4.50 23.13 -31.14
N SER B 215 -4.94 22.83 -29.92
CA SER B 215 -6.37 22.79 -29.69
C SER B 215 -6.84 23.15 -28.29
N VAL B 216 -8.13 23.46 -28.20
CA VAL B 216 -8.77 23.78 -26.95
C VAL B 216 -10.11 23.05 -26.93
N ASN B 217 -10.29 22.15 -25.98
CA ASN B 217 -11.56 21.43 -25.86
C ASN B 217 -12.09 21.64 -24.46
N VAL B 218 -13.41 21.67 -24.33
CA VAL B 218 -14.03 21.89 -23.03
C VAL B 218 -15.05 20.79 -22.69
N ILE B 219 -15.07 20.43 -21.41
CA ILE B 219 -15.97 19.41 -20.90
C ILE B 219 -16.73 19.95 -19.70
N SER B 220 -17.99 19.54 -19.57
CA SER B 220 -18.80 20.00 -18.46
C SER B 220 -19.67 18.88 -17.85
N HIS B 221 -19.36 18.52 -16.61
CA HIS B 221 -20.12 17.48 -15.92
C HIS B 221 -20.85 18.09 -14.73
N SER B 222 -22.00 17.52 -14.39
CA SER B 222 -22.75 18.01 -13.24
C SER B 222 -22.43 17.07 -12.10
N ARG B 223 -22.21 17.62 -10.92
CA ARG B 223 -21.88 16.80 -9.76
C ARG B 223 -22.62 17.23 -8.51
N VAL B 224 -23.04 16.25 -7.71
CA VAL B 224 -23.74 16.55 -6.47
C VAL B 224 -22.67 16.97 -5.48
N LYS B 225 -22.96 18.00 -4.69
CA LYS B 225 -21.99 18.45 -3.72
C LYS B 225 -21.72 17.33 -2.74
N THR B 226 -20.45 17.12 -2.42
CA THR B 226 -20.04 16.05 -1.51
C THR B 226 -18.80 16.46 -0.73
N ASP B 227 -18.56 15.77 0.38
CA ASP B 227 -17.39 16.01 1.23
C ASP B 227 -16.33 14.99 0.89
N LEU B 228 -16.69 14.04 0.03
CA LEU B 228 -15.77 12.99 -0.37
C LEU B 228 -14.45 13.56 -0.84
N LYS B 229 -13.37 12.96 -0.37
CA LYS B 229 -12.02 13.38 -0.72
C LYS B 229 -11.44 12.35 -1.68
N GLY B 230 -10.33 12.71 -2.31
CA GLY B 230 -9.68 11.79 -3.23
C GLY B 230 -10.19 11.71 -4.66
N THR B 231 -11.29 12.39 -4.99
CA THR B 231 -11.83 12.32 -6.34
C THR B 231 -10.82 12.83 -7.37
N GLY B 232 -10.00 13.81 -6.99
CA GLY B 232 -8.99 14.35 -7.89
C GLY B 232 -7.91 13.31 -8.14
N ASP B 233 -7.49 12.62 -7.09
CA ASP B 233 -6.47 11.59 -7.24
C ASP B 233 -7.03 10.48 -8.11
N LEU B 234 -8.32 10.20 -7.95
CA LEU B 234 -8.98 9.16 -8.73
C LEU B 234 -9.04 9.60 -10.19
N PHE B 235 -9.38 10.86 -10.40
CA PHE B 235 -9.46 11.41 -11.75
C PHE B 235 -8.14 11.18 -12.45
N CYS B 236 -7.07 11.55 -11.78
CA CYS B 236 -5.74 11.41 -12.35
C CYS B 236 -5.41 9.95 -12.64
N ALA B 237 -5.75 9.06 -11.71
CA ALA B 237 -5.48 7.63 -11.90
C ALA B 237 -6.16 7.16 -13.20
N GLN B 238 -7.44 7.50 -13.36
CA GLN B 238 -8.19 7.12 -14.56
C GLN B 238 -7.72 7.86 -15.82
N LEU B 239 -7.19 9.07 -15.64
CA LEU B 239 -6.70 9.81 -16.78
C LEU B 239 -5.46 9.14 -17.34
N ILE B 240 -4.47 8.91 -16.48
CA ILE B 240 -3.24 8.29 -16.93
C ILE B 240 -3.52 6.89 -17.46
N SER B 241 -4.47 6.20 -16.84
CA SER B 241 -4.85 4.86 -17.27
C SER B 241 -5.44 4.94 -18.67
N GLY B 242 -6.33 5.91 -18.87
CA GLY B 242 -6.96 6.08 -20.18
C GLY B 242 -5.93 6.36 -21.25
N LEU B 243 -4.99 7.27 -20.95
CA LEU B 243 -3.95 7.62 -21.90
C LEU B 243 -3.05 6.44 -22.24
N LEU B 244 -2.68 5.67 -21.24
CA LEU B 244 -1.81 4.53 -21.46
C LEU B 244 -2.51 3.39 -22.19
N LYS B 245 -3.84 3.45 -22.25
CA LYS B 245 -4.58 2.40 -22.96
C LYS B 245 -5.08 2.89 -24.33
N GLY B 246 -4.40 3.88 -24.88
CA GLY B 246 -4.75 4.40 -26.20
C GLY B 246 -5.73 5.55 -26.34
N LYS B 247 -6.55 5.81 -25.33
CA LYS B 247 -7.51 6.89 -25.42
C LYS B 247 -6.87 8.24 -25.71
N ALA B 248 -7.50 9.02 -26.58
CA ALA B 248 -6.99 10.35 -26.92
C ALA B 248 -7.25 11.27 -25.73
N LEU B 249 -6.44 12.30 -25.58
CA LEU B 249 -6.54 13.24 -24.45
C LEU B 249 -7.93 13.65 -24.00
N THR B 250 -8.67 14.32 -24.87
CA THR B 250 -10.02 14.76 -24.52
C THR B 250 -10.93 13.60 -24.17
N ASP B 251 -10.81 12.50 -24.89
CA ASP B 251 -11.63 11.33 -24.62
C ASP B 251 -11.27 10.78 -23.25
N ALA B 252 -9.96 10.69 -22.98
CA ALA B 252 -9.47 10.20 -21.68
C ALA B 252 -9.91 11.12 -20.53
N VAL B 253 -9.95 12.42 -20.79
CA VAL B 253 -10.35 13.38 -19.77
C VAL B 253 -11.84 13.16 -19.49
N HIS B 254 -12.61 13.11 -20.55
CA HIS B 254 -14.06 12.90 -20.45
C HIS B 254 -14.38 11.61 -19.69
N ARG B 255 -13.80 10.50 -20.12
CA ARG B 255 -14.04 9.22 -19.46
C ARG B 255 -13.60 9.24 -18.00
N ALA B 256 -12.44 9.83 -17.74
CA ALA B 256 -11.94 9.90 -16.37
C ALA B 256 -12.96 10.59 -15.49
N GLY B 257 -13.56 11.66 -16.03
CA GLY B 257 -14.55 12.40 -15.27
C GLY B 257 -15.80 11.58 -15.02
N LEU B 258 -16.24 10.84 -16.03
CA LEU B 258 -17.43 9.99 -15.89
C LEU B 258 -17.20 8.88 -14.89
N ARG B 259 -16.03 8.27 -14.96
CA ARG B 259 -15.67 7.18 -14.05
C ARG B 259 -15.68 7.67 -12.61
N VAL B 260 -15.20 8.89 -12.41
CA VAL B 260 -15.18 9.49 -11.09
C VAL B 260 -16.61 9.64 -10.62
N LEU B 261 -17.46 10.20 -11.47
CA LEU B 261 -18.85 10.38 -11.12
C LEU B 261 -19.48 9.04 -10.77
N GLU B 262 -19.14 8.02 -11.54
CA GLU B 262 -19.68 6.70 -11.32
C GLU B 262 -19.26 6.18 -9.94
N VAL B 263 -18.01 6.41 -9.56
CA VAL B 263 -17.52 5.96 -8.27
C VAL B 263 -18.18 6.72 -7.14
N MET B 264 -18.40 8.01 -7.33
CA MET B 264 -19.04 8.84 -6.31
C MET B 264 -20.48 8.38 -6.07
N ARG B 265 -21.22 8.16 -7.14
CA ARG B 265 -22.60 7.72 -7.00
C ARG B 265 -22.64 6.40 -6.23
N TYR B 266 -21.79 5.47 -6.66
CA TYR B 266 -21.71 4.16 -6.04
C TYR B 266 -21.40 4.31 -4.55
N THR B 267 -20.47 5.20 -4.23
CA THR B 267 -20.08 5.47 -2.85
C THR B 267 -21.28 5.96 -2.04
N GLN B 268 -22.04 6.88 -2.63
CA GLN B 268 -23.22 7.43 -1.98
C GLN B 268 -24.31 6.36 -1.89
N GLN B 269 -24.44 5.57 -2.94
CA GLN B 269 -25.44 4.51 -2.99
C GLN B 269 -25.24 3.62 -1.76
N HIS B 270 -24.00 3.44 -1.35
CA HIS B 270 -23.68 2.60 -0.20
C HIS B 270 -23.48 3.43 1.07
N GLU B 271 -23.80 4.71 0.97
CA GLU B 271 -23.70 5.62 2.10
C GLU B 271 -22.36 5.50 2.81
N SER B 272 -21.29 5.67 2.05
CA SER B 272 -19.93 5.59 2.58
C SER B 272 -19.26 6.97 2.57
N ASP B 273 -18.51 7.30 3.62
CA ASP B 273 -17.82 8.58 3.69
C ASP B 273 -16.46 8.53 3.01
N GLU B 274 -16.13 7.39 2.43
CA GLU B 274 -14.86 7.21 1.73
C GLU B 274 -15.18 6.53 0.42
N LEU B 275 -14.49 6.93 -0.64
CA LEU B 275 -14.71 6.36 -1.96
C LEU B 275 -14.52 4.84 -1.97
N ILE B 276 -15.41 4.15 -2.66
CA ILE B 276 -15.30 2.70 -2.80
C ILE B 276 -15.50 2.40 -4.29
N LEU B 277 -14.53 1.70 -4.87
CA LEU B 277 -14.56 1.37 -6.28
C LEU B 277 -15.47 0.23 -6.68
N PRO B 278 -16.37 0.47 -7.64
CA PRO B 278 -17.29 -0.54 -8.13
C PRO B 278 -16.54 -1.17 -9.32
N PRO B 279 -17.04 -2.28 -9.87
CA PRO B 279 -16.32 -2.87 -11.00
C PRO B 279 -16.07 -1.87 -12.13
N LEU B 280 -15.15 -2.21 -13.03
CA LEU B 280 -14.84 -1.33 -14.14
C LEU B 280 -15.36 -1.96 -15.44
#